data_2F4O
#
_entry.id   2F4O
#
_cell.length_a   96.958
_cell.length_b   52.097
_cell.length_c   80.848
_cell.angle_alpha   90.00
_cell.angle_beta   113.50
_cell.angle_gamma   90.00
#
_symmetry.space_group_name_H-M   'C 1 2 1'
#
loop_
_entity.id
_entity.type
_entity.pdbx_description
1 polymer 'peptide N-glycanase'
2 polymer 'XP-C repair complementing complex 58 kDa protein'
3 polymer PHQ-VAL-ALA-ASP-CF0
4 non-polymer 'ZINC ION'
5 non-polymer 'CHLORIDE ION'
6 water water
#
loop_
_entity_poly.entity_id
_entity_poly.type
_entity_poly.pdbx_seq_one_letter_code
_entity_poly.pdbx_strand_id
1 'polypeptide(L)'
;GDSTILKVLQSNIQHVQLYENPVLQEKALTCIPVSELKRKAQEKLFRARKLDKGTNVSDEDFLLLELLHWFKEEFFRWVN
NIVCSKCGGETRSRDEALLPNDDELKWGAKNVENHYCDACQLSNRFPRYNNPEKLLETRCGRCGEWANCFTLCCRALGFE
ARYVWDYTDHVWTEVYSPSQQRWLHCDACEDVCDKPLLYEIGWGKKLSYIIAFSKDEVVDVTWRYSCKHDEVMSRRTKVK
EELLRETINGLNKQRQLSLSESRRKELLQRIIVELVEFISPKTPRPGLEHHHHHH
;
A
2 'polypeptide(L)' GHPLEFLRNQPQFQQMRQIIQQNPSLLPALLQQIGRENPQLLQQISQHQEHFIQMLNEPVG B
3 'polypeptide(L)' (PHQ)VAD(CF0) I
#
# COMPACT_ATOMS: atom_id res chain seq x y z
N GLY A 1 15.79 10.14 -12.59
CA GLY A 1 17.28 10.16 -12.47
C GLY A 1 17.84 8.87 -11.92
N ASP A 2 19.15 8.88 -11.63
CA ASP A 2 19.85 7.68 -11.15
C ASP A 2 19.47 7.24 -9.72
N SER A 3 18.80 8.11 -8.95
CA SER A 3 18.37 7.70 -7.62
C SER A 3 17.49 6.46 -7.73
N THR A 4 17.72 5.48 -6.85
CA THR A 4 16.98 4.22 -6.87
C THR A 4 15.50 4.36 -6.48
N ILE A 5 15.15 5.31 -5.62
CA ILE A 5 13.72 5.54 -5.34
C ILE A 5 12.96 5.70 -6.68
N LEU A 6 13.38 6.67 -7.50
CA LEU A 6 12.70 6.89 -8.76
C LEU A 6 12.70 5.70 -9.70
N LYS A 7 13.80 4.93 -9.76
CA LYS A 7 13.84 3.72 -10.59
C LYS A 7 12.83 2.66 -10.14
N VAL A 8 12.48 2.61 -8.86
CA VAL A 8 11.46 1.64 -8.41
C VAL A 8 10.03 2.12 -8.68
N LEU A 9 9.81 3.43 -8.72
CA LEU A 9 8.51 3.98 -9.08
C LEU A 9 8.16 3.38 -10.45
N GLN A 10 9.07 3.51 -11.40
CA GLN A 10 8.77 3.07 -12.76
C GLN A 10 8.60 1.56 -12.94
N SER A 11 9.32 0.72 -12.19
CA SER A 11 9.12 -0.73 -12.33
C SER A 11 7.78 -1.05 -11.75
N ASN A 12 7.52 -0.50 -10.60
CA ASN A 12 6.33 -0.81 -9.87
C ASN A 12 5.09 -0.34 -10.61
N ILE A 13 5.15 0.83 -11.24
CA ILE A 13 4.05 1.35 -12.06
C ILE A 13 3.77 0.44 -13.24
N GLN A 14 4.83 0.11 -13.98
CA GLN A 14 4.84 -0.97 -14.94
C GLN A 14 4.25 -2.22 -14.30
N HIS A 15 4.98 -2.83 -13.37
CA HIS A 15 4.61 -4.12 -12.79
C HIS A 15 3.12 -4.29 -12.43
N VAL A 16 2.53 -3.25 -11.84
CA VAL A 16 1.16 -3.31 -11.30
C VAL A 16 0.03 -3.42 -12.37
N GLN A 17 0.38 -3.15 -13.63
CA GLN A 17 -0.57 -3.34 -14.76
C GLN A 17 -0.97 -4.81 -14.94
N LEU A 18 -0.12 -5.70 -14.46
CA LEU A 18 -0.30 -7.11 -14.70
C LEU A 18 -1.57 -7.62 -13.99
N TYR A 19 -2.02 -6.96 -12.93
CA TYR A 19 -3.16 -7.50 -12.16
C TYR A 19 -4.48 -7.34 -12.86
N GLU A 20 -4.55 -6.31 -13.73
CA GLU A 20 -5.80 -5.80 -14.34
C GLU A 20 -6.24 -6.69 -15.48
N ASN A 21 -5.51 -7.78 -15.68
CA ASN A 21 -5.61 -8.57 -16.89
C ASN A 21 -6.57 -9.72 -16.67
N PRO A 22 -7.72 -9.70 -17.39
CA PRO A 22 -8.79 -10.56 -16.89
C PRO A 22 -8.42 -12.01 -17.10
N VAL A 23 -7.27 -12.17 -17.76
CA VAL A 23 -6.67 -13.47 -18.10
C VAL A 23 -6.00 -14.05 -16.86
N LEU A 24 -5.31 -13.17 -16.17
CA LEU A 24 -4.61 -13.48 -14.94
C LEU A 24 -5.59 -13.50 -13.79
N GLN A 25 -6.60 -12.63 -13.89
CA GLN A 25 -7.63 -12.48 -12.87
C GLN A 25 -8.51 -13.69 -12.88
N GLU A 26 -8.81 -14.16 -14.09
CA GLU A 26 -9.50 -15.43 -14.32
C GLU A 26 -8.74 -16.53 -13.65
N LYS A 27 -7.45 -16.61 -13.98
CA LYS A 27 -6.56 -17.60 -13.37
C LYS A 27 -6.58 -17.49 -11.84
N ALA A 28 -6.72 -16.28 -11.32
CA ALA A 28 -6.76 -16.04 -9.88
C ALA A 28 -8.16 -16.16 -9.25
N LEU A 29 -9.15 -16.49 -10.06
CA LEU A 29 -10.48 -16.82 -9.53
C LEU A 29 -10.62 -18.34 -9.46
N THR A 30 -10.03 -19.04 -10.41
CA THR A 30 -9.82 -20.49 -10.31
C THR A 30 -9.36 -20.93 -8.90
N CYS A 31 -8.58 -20.08 -8.24
CA CYS A 31 -7.97 -20.38 -6.93
C CYS A 31 -8.81 -20.02 -5.71
N ILE A 32 -9.82 -19.16 -5.90
CA ILE A 32 -10.44 -18.46 -4.77
C ILE A 32 -11.87 -18.92 -4.51
N PRO A 33 -12.16 -19.38 -3.27
CA PRO A 33 -13.52 -19.80 -2.87
C PRO A 33 -14.45 -18.64 -2.48
N VAL A 34 -14.58 -17.67 -3.39
CA VAL A 34 -15.48 -16.53 -3.21
C VAL A 34 -16.82 -16.95 -2.56
N SER A 35 -17.59 -17.74 -3.29
CA SER A 35 -18.83 -18.28 -2.77
C SER A 35 -18.84 -18.42 -1.24
N GLU A 36 -17.69 -18.92 -0.68
CA GLU A 36 -17.51 -19.10 0.76
C GLU A 36 -16.99 -17.83 1.50
N LEU A 37 -16.08 -17.08 0.88
CA LEU A 37 -15.57 -15.84 1.54
C LEU A 37 -16.70 -14.83 1.60
N LYS A 38 -17.38 -14.72 0.46
CA LYS A 38 -18.46 -13.77 0.26
C LYS A 38 -19.70 -14.14 1.09
N ARG A 39 -19.86 -15.42 1.42
CA ARG A 39 -21.03 -15.90 2.18
C ARG A 39 -20.74 -15.90 3.69
N LYS A 40 -19.45 -16.07 4.04
CA LYS A 40 -19.04 -15.88 5.42
C LYS A 40 -19.01 -14.39 5.76
N ALA A 41 -18.86 -13.55 4.74
CA ALA A 41 -18.84 -12.08 4.95
C ALA A 41 -20.23 -11.56 5.25
N GLN A 42 -21.22 -12.18 4.62
CA GLN A 42 -22.62 -11.80 4.82
C GLN A 42 -23.15 -12.20 6.19
N GLU A 43 -22.69 -13.39 6.66
CA GLU A 43 -23.09 -13.88 7.97
C GLU A 43 -22.51 -13.02 9.09
N LYS A 44 -21.26 -12.58 8.93
CA LYS A 44 -20.67 -11.59 9.84
C LYS A 44 -21.28 -10.17 9.65
N LEU A 45 -21.76 -9.89 8.44
CA LEU A 45 -22.50 -8.64 8.18
C LEU A 45 -23.90 -8.62 8.83
N PHE A 46 -24.66 -9.71 8.71
CA PHE A 46 -26.02 -9.71 9.27
C PHE A 46 -25.99 -9.47 10.78
N ARG A 47 -25.04 -10.09 11.49
CA ARG A 47 -25.02 -10.06 12.95
C ARG A 47 -24.48 -8.74 13.48
N ALA A 48 -23.46 -8.20 12.81
CA ALA A 48 -22.88 -6.92 13.17
C ALA A 48 -23.92 -5.80 13.28
N ARG A 49 -24.96 -5.88 12.44
CA ARG A 49 -25.97 -4.83 12.38
C ARG A 49 -27.08 -5.01 13.44
N LYS A 50 -26.96 -6.03 14.29
CA LYS A 50 -27.82 -6.17 15.45
C LYS A 50 -27.39 -5.13 16.49
N LEU A 51 -26.09 -4.99 16.71
CA LEU A 51 -25.56 -3.83 17.42
C LEU A 51 -25.30 -2.73 16.38
N ASP A 52 -26.37 -1.98 16.07
CA ASP A 52 -26.34 -0.97 15.01
C ASP A 52 -25.49 0.26 15.39
N LYS A 53 -25.13 0.38 16.67
CA LYS A 53 -24.08 1.30 17.13
C LYS A 53 -22.96 1.27 16.11
N GLY A 54 -22.57 0.05 15.73
CA GLY A 54 -21.70 -0.16 14.58
C GLY A 54 -22.20 0.65 13.40
N THR A 55 -21.58 1.82 13.20
CA THR A 55 -21.92 2.74 12.11
C THR A 55 -21.19 2.29 10.84
N ASN A 56 -21.36 3.04 9.75
CA ASN A 56 -20.98 2.59 8.39
C ASN A 56 -21.97 1.49 8.01
N VAL A 57 -21.73 0.79 6.90
CA VAL A 57 -22.31 -0.54 6.71
C VAL A 57 -21.18 -1.56 6.76
N SER A 58 -20.19 -1.41 5.86
CA SER A 58 -19.20 -2.44 5.61
C SER A 58 -19.92 -3.58 4.89
N ASP A 59 -19.39 -4.05 3.76
CA ASP A 59 -19.96 -5.23 3.09
C ASP A 59 -18.92 -5.94 2.21
N GLU A 60 -18.48 -5.27 1.15
CA GLU A 60 -17.28 -5.68 0.43
C GLU A 60 -16.09 -5.55 1.38
N ASP A 61 -16.27 -4.78 2.45
CA ASP A 61 -15.33 -4.69 3.58
C ASP A 61 -15.31 -5.92 4.52
N PHE A 62 -16.47 -6.46 4.86
CA PHE A 62 -16.48 -7.76 5.51
C PHE A 62 -15.82 -8.80 4.60
N LEU A 63 -16.07 -8.71 3.29
CA LEU A 63 -15.44 -9.65 2.35
C LEU A 63 -13.95 -9.46 2.32
N LEU A 64 -13.51 -8.20 2.42
CA LEU A 64 -12.09 -7.89 2.51
C LEU A 64 -11.48 -8.61 3.71
N LEU A 65 -12.17 -8.53 4.85
CA LEU A 65 -11.66 -9.17 6.06
C LEU A 65 -11.61 -10.72 5.93
N GLU A 66 -12.63 -11.34 5.32
CA GLU A 66 -12.54 -12.76 4.91
C GLU A 66 -11.42 -13.02 3.88
N LEU A 67 -11.13 -12.06 3.01
CA LEU A 67 -10.10 -12.28 1.97
C LEU A 67 -8.70 -12.48 2.58
N LEU A 68 -8.34 -11.55 3.46
CA LEU A 68 -7.12 -11.61 4.23
C LEU A 68 -7.08 -12.89 4.97
N HIS A 69 -8.12 -13.16 5.76
CA HIS A 69 -8.09 -14.34 6.62
C HIS A 69 -7.82 -15.59 5.78
N TRP A 70 -8.71 -15.92 4.83
CA TRP A 70 -8.47 -17.03 3.87
C TRP A 70 -7.02 -17.18 3.38
N PHE A 71 -6.43 -16.05 2.99
CA PHE A 71 -5.11 -15.98 2.36
C PHE A 71 -4.04 -16.49 3.31
N LYS A 72 -4.04 -15.90 4.50
CA LYS A 72 -3.27 -16.34 5.66
C LYS A 72 -3.38 -17.82 6.02
N GLU A 73 -4.58 -18.37 5.93
CA GLU A 73 -4.90 -19.67 6.54
C GLU A 73 -4.92 -20.85 5.57
N GLU A 74 -5.62 -20.71 4.45
CA GLU A 74 -5.76 -21.79 3.47
C GLU A 74 -4.77 -21.65 2.29
N PHE A 75 -4.46 -20.42 1.87
CA PHE A 75 -3.83 -20.24 0.53
C PHE A 75 -2.31 -20.13 0.50
N PHE A 76 -1.76 -19.12 1.16
CA PHE A 76 -0.35 -18.77 0.94
C PHE A 76 0.50 -19.25 2.11
N ARG A 77 1.77 -19.56 1.88
CA ARG A 77 2.61 -19.96 3.00
C ARG A 77 3.83 -19.12 3.16
N TRP A 78 4.29 -19.07 4.41
CA TRP A 78 5.42 -18.25 4.75
C TRP A 78 6.69 -19.08 4.64
N VAL A 79 7.70 -18.55 3.95
CA VAL A 79 8.97 -19.20 3.77
C VAL A 79 9.98 -18.52 4.62
N ASN A 80 10.45 -19.27 5.60
CA ASN A 80 11.64 -18.95 6.38
C ASN A 80 12.85 -19.47 5.61
N ASN A 81 13.14 -20.76 5.77
CA ASN A 81 13.99 -21.52 4.87
C ASN A 81 13.16 -22.68 4.42
N ILE A 82 13.19 -23.01 3.13
CA ILE A 82 12.43 -24.16 2.64
C ILE A 82 13.07 -25.45 3.10
N VAL A 83 12.24 -26.49 3.28
CA VAL A 83 12.71 -27.77 3.81
C VAL A 83 13.44 -28.52 2.71
N CYS A 84 14.33 -29.40 3.13
CA CYS A 84 15.12 -30.14 2.17
C CYS A 84 14.30 -31.10 1.30
N SER A 85 14.49 -30.99 -0.01
CA SER A 85 13.80 -31.85 -0.96
C SER A 85 14.08 -33.31 -0.66
N LYS A 86 15.32 -33.59 -0.30
CA LYS A 86 15.80 -34.95 -0.12
C LYS A 86 15.29 -35.49 1.23
N CYS A 87 15.76 -34.91 2.34
CA CYS A 87 15.51 -35.45 3.69
C CYS A 87 14.38 -34.80 4.45
N GLY A 88 13.89 -33.65 3.98
CA GLY A 88 12.73 -33.00 4.56
C GLY A 88 12.99 -32.14 5.78
N GLY A 89 14.27 -32.00 6.14
CA GLY A 89 14.69 -31.29 7.35
C GLY A 89 15.12 -29.86 7.14
N GLU A 90 15.37 -29.17 8.26
CA GLU A 90 16.04 -27.87 8.34
C GLU A 90 17.04 -27.55 7.23
N THR A 91 16.96 -26.33 6.70
CA THR A 91 18.02 -25.78 5.86
C THR A 91 18.46 -24.38 6.35
N ARG A 92 19.61 -23.92 5.86
CA ARG A 92 20.21 -22.63 6.23
C ARG A 92 20.53 -21.86 4.96
N SER A 93 20.54 -20.52 5.07
CA SER A 93 20.71 -19.62 3.92
C SER A 93 22.17 -19.34 3.56
N ARG A 94 22.53 -19.62 2.31
CA ARG A 94 23.87 -19.32 1.82
C ARG A 94 23.74 -17.92 1.23
N ASP A 95 24.73 -17.05 1.49
CA ASP A 95 24.69 -15.62 1.14
C ASP A 95 25.02 -15.38 -0.33
N GLU A 96 25.97 -16.16 -0.84
CA GLU A 96 26.11 -16.39 -2.29
C GLU A 96 24.82 -16.99 -2.89
N ALA A 97 24.10 -16.18 -3.65
CA ALA A 97 22.82 -16.58 -4.23
C ALA A 97 23.02 -17.44 -5.48
N LEU A 98 22.18 -18.45 -5.64
CA LEU A 98 22.17 -19.26 -6.85
C LEU A 98 21.85 -18.41 -8.09
N LEU A 99 22.50 -18.70 -9.22
CA LEU A 99 22.12 -18.10 -10.51
C LEU A 99 20.85 -18.79 -11.02
N PRO A 100 19.83 -18.01 -11.40
CA PRO A 100 18.55 -18.57 -11.86
C PRO A 100 18.68 -19.34 -13.18
N ASN A 101 18.30 -20.61 -13.16
CA ASN A 101 18.63 -21.56 -14.21
C ASN A 101 18.13 -21.19 -15.62
N ASP A 102 16.82 -21.06 -15.77
CA ASP A 102 16.20 -20.68 -17.04
C ASP A 102 14.70 -20.55 -16.85
N ASP A 103 14.04 -21.62 -16.44
CA ASP A 103 12.60 -21.53 -16.15
C ASP A 103 12.35 -20.47 -15.07
N GLU A 104 13.30 -20.35 -14.17
CA GLU A 104 13.15 -19.45 -13.06
C GLU A 104 13.15 -17.98 -13.55
N LEU A 105 14.05 -17.68 -14.48
CA LEU A 105 14.06 -16.37 -15.15
C LEU A 105 12.73 -16.07 -15.88
N LYS A 106 12.23 -17.07 -16.60
CA LYS A 106 10.94 -16.97 -17.34
C LYS A 106 9.78 -16.54 -16.44
N TRP A 107 9.69 -17.13 -15.26
CA TRP A 107 8.70 -16.75 -14.26
C TRP A 107 9.18 -15.63 -13.32
N GLY A 108 10.15 -14.83 -13.78
CA GLY A 108 10.53 -13.57 -13.14
C GLY A 108 11.41 -13.61 -11.89
N ALA A 109 12.18 -14.68 -11.68
CA ALA A 109 13.08 -14.76 -10.51
C ALA A 109 14.52 -14.34 -10.89
N LYS A 110 14.93 -13.17 -10.41
CA LYS A 110 16.28 -12.64 -10.66
C LYS A 110 17.27 -13.15 -9.62
N ASN A 111 16.81 -13.20 -8.36
CA ASN A 111 17.59 -13.72 -7.24
C ASN A 111 16.96 -15.07 -6.89
N VAL A 112 17.80 -16.10 -6.72
CA VAL A 112 17.38 -17.43 -6.26
C VAL A 112 18.21 -17.65 -5.01
N GLU A 113 17.61 -18.24 -3.98
CA GLU A 113 18.31 -18.40 -2.70
C GLU A 113 18.79 -19.82 -2.55
N ASN A 114 19.97 -19.95 -1.94
CA ASN A 114 20.56 -21.22 -1.61
C ASN A 114 20.17 -21.59 -0.18
N HIS A 115 19.25 -22.54 -0.06
CA HIS A 115 18.89 -23.11 1.22
C HIS A 115 19.58 -24.42 1.40
N TYR A 116 20.71 -24.37 2.11
CA TYR A 116 21.61 -25.50 2.18
C TYR A 116 21.16 -26.45 3.28
N CYS A 117 21.16 -27.73 2.93
CA CYS A 117 21.11 -28.83 3.89
C CYS A 117 22.54 -29.31 4.16
N ASP A 118 23.00 -29.19 5.41
CA ASP A 118 24.34 -29.73 5.80
C ASP A 118 24.37 -31.28 5.84
N ALA A 119 23.28 -31.87 6.29
CA ALA A 119 23.11 -33.30 6.34
C ALA A 119 23.27 -33.91 4.94
N CYS A 120 22.55 -33.38 3.95
CA CYS A 120 22.54 -33.96 2.61
C CYS A 120 23.62 -33.34 1.71
N GLN A 121 24.29 -32.28 2.17
CA GLN A 121 25.20 -31.50 1.30
C GLN A 121 24.42 -31.15 0.01
N LEU A 122 23.20 -30.67 0.20
CA LEU A 122 22.27 -30.40 -0.87
C LEU A 122 21.86 -28.91 -0.83
N SER A 123 22.15 -28.19 -1.90
CA SER A 123 21.56 -26.87 -2.16
C SER A 123 20.07 -27.01 -2.61
N ASN A 124 19.16 -26.51 -1.78
CA ASN A 124 17.75 -26.35 -2.17
C ASN A 124 17.52 -24.92 -2.70
N ARG A 125 16.60 -24.79 -3.63
CA ARG A 125 16.44 -23.58 -4.41
C ARG A 125 15.21 -22.84 -3.92
N PHE A 126 15.40 -21.61 -3.44
CA PHE A 126 14.27 -20.76 -3.17
C PHE A 126 14.26 -19.61 -4.17
N PRO A 127 13.57 -19.80 -5.31
CA PRO A 127 13.50 -18.76 -6.33
C PRO A 127 12.63 -17.61 -5.86
N ARG A 128 12.95 -16.41 -6.33
CA ARG A 128 12.22 -15.22 -5.87
C ARG A 128 11.45 -14.57 -7.03
N TYR A 129 10.30 -15.21 -7.30
CA TYR A 129 9.46 -14.93 -8.45
C TYR A 129 8.73 -13.63 -8.27
N ASN A 130 9.02 -12.70 -9.17
CA ASN A 130 8.26 -11.48 -9.37
C ASN A 130 6.90 -11.71 -10.06
N ASN A 131 6.79 -12.79 -10.83
CA ASN A 131 5.62 -13.03 -11.68
C ASN A 131 4.46 -13.65 -10.91
N PRO A 132 3.37 -12.90 -10.72
CA PRO A 132 2.27 -13.37 -9.87
C PRO A 132 1.58 -14.64 -10.35
N GLU A 133 1.62 -14.90 -11.66
CA GLU A 133 1.09 -16.13 -12.26
C GLU A 133 1.86 -17.35 -11.77
N LYS A 134 3.14 -17.18 -11.46
CA LYS A 134 3.93 -18.28 -10.89
C LYS A 134 3.55 -18.48 -9.42
N LEU A 135 3.21 -17.40 -8.74
CA LEU A 135 2.90 -17.44 -7.30
C LEU A 135 1.55 -18.11 -7.01
N LEU A 136 0.69 -18.12 -8.01
CA LEU A 136 -0.58 -18.83 -7.89
C LEU A 136 -0.33 -20.33 -7.72
N GLU A 137 0.75 -20.82 -8.33
CA GLU A 137 1.23 -22.22 -8.20
C GLU A 137 2.19 -22.43 -7.00
N THR A 138 3.25 -21.63 -6.90
CA THR A 138 4.19 -21.76 -5.78
C THR A 138 3.52 -21.54 -4.41
N ARG A 139 2.59 -20.58 -4.37
CA ARG A 139 1.74 -20.37 -3.22
C ARG A 139 2.52 -20.09 -1.93
N CYS A 140 3.74 -19.58 -2.06
CA CYS A 140 4.58 -19.30 -0.87
C CYS A 140 5.57 -18.17 -1.06
N GLY A 141 6.19 -17.77 0.04
CA GLY A 141 7.28 -16.79 -0.01
C GLY A 141 7.21 -15.84 1.16
N ARG A 142 7.82 -14.68 1.02
CA ARG A 142 7.83 -13.72 2.09
C ARG A 142 7.00 -12.52 1.70
N CYS A 143 7.26 -11.36 2.28
CA CYS A 143 6.31 -10.29 2.15
C CYS A 143 6.12 -9.89 0.69
N GLY A 144 7.19 -9.96 -0.12
CA GLY A 144 7.11 -9.62 -1.55
C GLY A 144 6.07 -10.46 -2.27
N GLU A 145 6.21 -11.78 -2.15
CA GLU A 145 5.33 -12.75 -2.81
C GLU A 145 3.90 -12.68 -2.28
N TRP A 146 3.79 -12.51 -0.96
CA TRP A 146 2.49 -12.37 -0.28
C TRP A 146 1.73 -11.10 -0.68
N ALA A 147 2.41 -9.95 -0.70
CA ALA A 147 1.72 -8.70 -1.10
C ALA A 147 1.36 -8.73 -2.57
N ASN A 148 2.33 -9.16 -3.38
CA ASN A 148 2.24 -9.27 -4.83
C ASN A 148 1.12 -10.19 -5.30
N CYS A 149 0.95 -11.30 -4.61
CA CYS A 149 -0.11 -12.21 -4.99
C CYS A 149 -1.46 -11.74 -4.39
N PHE A 150 -1.42 -11.16 -3.20
CA PHE A 150 -2.63 -10.72 -2.55
C PHE A 150 -3.21 -9.53 -3.32
N THR A 151 -2.40 -8.81 -4.11
CA THR A 151 -2.87 -7.62 -4.81
C THR A 151 -3.56 -8.02 -6.09
N LEU A 152 -2.96 -8.96 -6.82
CA LEU A 152 -3.63 -9.64 -7.89
C LEU A 152 -4.99 -10.17 -7.40
N CYS A 153 -5.06 -10.64 -6.16
CA CYS A 153 -6.30 -11.30 -5.69
C CYS A 153 -7.37 -10.26 -5.44
N CYS A 154 -7.01 -9.15 -4.80
CA CYS A 154 -7.99 -8.09 -4.60
C CYS A 154 -8.60 -7.68 -5.92
N ARG A 155 -7.76 -7.49 -6.94
CA ARG A 155 -8.24 -7.02 -8.24
C ARG A 155 -9.11 -8.04 -8.85
N ALA A 156 -8.71 -9.30 -8.70
CA ALA A 156 -9.47 -10.43 -9.16
C ALA A 156 -10.95 -10.38 -8.69
N LEU A 157 -11.22 -9.89 -7.49
CA LEU A 157 -12.60 -9.79 -6.97
C LEU A 157 -13.23 -8.43 -7.22
N GLY A 158 -12.63 -7.59 -8.06
CA GLY A 158 -13.19 -6.28 -8.44
C GLY A 158 -12.87 -5.19 -7.44
N PHE A 159 -11.91 -5.47 -6.56
CA PHE A 159 -11.44 -4.49 -5.59
C PHE A 159 -10.48 -3.52 -6.23
N GLU A 160 -10.58 -2.29 -5.72
CA GLU A 160 -9.62 -1.28 -6.02
C GLU A 160 -8.47 -1.53 -5.07
N ALA A 161 -7.32 -1.83 -5.65
CA ALA A 161 -6.19 -2.30 -4.90
C ALA A 161 -4.91 -1.55 -5.27
N ARG A 162 -4.06 -1.28 -4.30
CA ARG A 162 -2.70 -0.79 -4.58
C ARG A 162 -1.68 -1.75 -4.02
N TYR A 163 -0.52 -1.81 -4.70
CA TYR A 163 0.71 -2.38 -4.21
C TYR A 163 1.49 -1.27 -3.51
N VAL A 164 1.86 -1.54 -2.23
CA VAL A 164 2.46 -0.52 -1.42
C VAL A 164 3.89 -0.90 -1.05
N TRP A 165 4.84 -0.14 -1.60
CA TRP A 165 6.27 -0.34 -1.41
C TRP A 165 6.88 0.55 -0.32
N ASP A 166 7.31 -0.07 0.77
CA ASP A 166 8.06 0.60 1.82
C ASP A 166 9.55 0.49 1.59
N TYR A 167 10.24 1.64 1.63
CA TYR A 167 11.71 1.76 1.35
C TYR A 167 12.57 0.85 2.19
N THR A 168 12.13 0.64 3.42
CA THR A 168 12.87 -0.16 4.40
C THR A 168 12.51 -1.64 4.31
N ASP A 169 12.22 -2.09 3.11
CA ASP A 169 11.97 -3.50 2.80
C ASP A 169 10.80 -4.23 3.48
N HIS A 170 9.64 -3.61 3.51
CA HIS A 170 8.40 -4.35 3.64
C HIS A 170 7.45 -3.87 2.51
N VAL A 171 6.49 -4.71 2.14
CA VAL A 171 5.52 -4.33 1.14
C VAL A 171 4.13 -4.81 1.59
N TRP A 172 3.09 -4.14 1.13
CA TRP A 172 1.74 -4.62 1.43
C TRP A 172 0.73 -4.13 0.39
N THR A 173 -0.55 -4.02 0.81
CA THR A 173 -1.61 -3.66 -0.11
C THR A 173 -2.50 -2.58 0.52
N GLU A 174 -3.05 -1.72 -0.34
CA GLU A 174 -4.16 -0.85 0.03
C GLU A 174 -5.41 -1.19 -0.77
N VAL A 175 -6.55 -1.10 -0.09
CA VAL A 175 -7.86 -1.47 -0.66
C VAL A 175 -8.86 -0.37 -0.36
N TYR A 176 -9.59 0.05 -1.41
CA TYR A 176 -10.54 1.10 -1.29
C TYR A 176 -11.87 0.61 -0.74
N SER A 177 -12.32 1.34 0.26
CA SER A 177 -13.61 1.18 0.87
C SER A 177 -14.55 2.23 0.25
N PRO A 178 -15.34 1.85 -0.79
CA PRO A 178 -16.52 2.65 -1.11
C PRO A 178 -17.36 2.97 0.12
N SER A 179 -17.67 1.92 0.88
CA SER A 179 -18.24 2.05 2.22
C SER A 179 -17.71 3.28 2.98
N GLN A 180 -16.41 3.30 3.27
CA GLN A 180 -15.83 4.31 4.19
C GLN A 180 -15.25 5.51 3.47
N GLN A 181 -15.38 5.54 2.15
CA GLN A 181 -14.83 6.64 1.36
C GLN A 181 -13.39 6.89 1.75
N ARG A 182 -12.60 5.82 1.71
CA ARG A 182 -11.15 5.88 1.99
C ARG A 182 -10.41 4.56 1.68
N TRP A 183 -9.10 4.70 1.44
CA TRP A 183 -8.17 3.59 1.29
C TRP A 183 -7.87 2.94 2.62
N LEU A 184 -7.65 1.63 2.58
CA LEU A 184 -7.44 0.80 3.80
C LEU A 184 -6.18 -0.01 3.69
N HIS A 185 -5.29 0.17 4.67
CA HIS A 185 -4.12 -0.67 4.94
C HIS A 185 -4.51 -2.15 4.96
N CYS A 186 -3.87 -2.94 4.10
CA CYS A 186 -4.01 -4.38 4.16
C CYS A 186 -2.68 -5.09 4.11
N ASP A 187 -2.33 -5.78 5.20
CA ASP A 187 -1.16 -6.63 5.25
C ASP A 187 -1.52 -8.10 5.40
N ALA A 188 -1.69 -8.78 4.27
CA ALA A 188 -2.09 -10.19 4.28
C ALA A 188 -1.04 -11.01 5.00
N CYS A 189 0.17 -10.57 4.76
CA CYS A 189 1.37 -11.21 5.16
C CYS A 189 1.46 -11.23 6.68
N GLU A 190 1.03 -10.14 7.29
CA GLU A 190 0.88 -10.00 8.75
C GLU A 190 -0.56 -10.12 9.26
N ASP A 191 -1.51 -10.54 8.43
CA ASP A 191 -2.93 -10.53 8.77
C ASP A 191 -3.50 -9.27 9.44
N VAL A 192 -3.16 -8.11 8.92
CA VAL A 192 -3.71 -6.90 9.51
C VAL A 192 -4.41 -6.02 8.45
N CYS A 193 -5.49 -5.39 8.92
CA CYS A 193 -6.30 -4.47 8.15
C CYS A 193 -6.49 -3.13 8.89
N ASP A 194 -6.10 -2.03 8.26
CA ASP A 194 -6.50 -0.70 8.75
C ASP A 194 -5.87 -0.45 10.11
N LYS A 195 -4.58 -0.79 10.21
CA LYS A 195 -3.71 -0.44 11.34
C LYS A 195 -2.31 -0.01 10.84
N PRO A 196 -2.27 1.12 10.11
CA PRO A 196 -1.09 1.67 9.44
C PRO A 196 0.11 2.00 10.29
N LEU A 197 -0.11 2.20 11.60
CA LEU A 197 0.99 2.45 12.53
C LEU A 197 1.62 1.15 13.10
N LEU A 198 1.23 0.01 12.53
CA LEU A 198 1.85 -1.27 12.80
C LEU A 198 3.36 -1.27 12.66
N TYR A 199 3.85 -0.68 11.57
CA TYR A 199 5.25 -0.71 11.25
C TYR A 199 6.04 0.23 12.18
N GLU A 200 5.62 1.49 12.33
CA GLU A 200 6.39 2.45 13.09
C GLU A 200 6.26 2.25 14.61
N ILE A 201 5.01 2.12 15.08
CA ILE A 201 4.69 1.95 16.47
C ILE A 201 4.77 0.50 16.91
N GLY A 202 4.28 -0.45 16.12
CA GLY A 202 4.42 -1.84 16.46
C GLY A 202 5.85 -2.39 16.39
N TRP A 203 6.58 -2.01 15.34
CA TRP A 203 7.89 -2.61 15.01
C TRP A 203 9.10 -1.75 15.33
N GLY A 204 8.85 -0.48 15.62
CA GLY A 204 9.88 0.53 15.89
C GLY A 204 10.60 0.94 14.62
N LYS A 205 9.97 0.70 13.46
CA LYS A 205 10.58 0.95 12.18
C LYS A 205 10.82 2.43 11.96
N LYS A 206 11.96 2.76 11.39
CA LYS A 206 12.39 4.11 11.12
C LYS A 206 12.03 4.28 9.64
N LEU A 207 10.82 4.76 9.37
CA LEU A 207 10.34 4.91 7.97
C LEU A 207 10.78 6.20 7.26
N SER A 208 10.67 6.12 5.94
CA SER A 208 11.13 7.21 5.04
C SER A 208 10.17 7.42 3.91
N TYR A 209 10.17 6.54 2.92
CA TYR A 209 9.34 6.62 1.73
C TYR A 209 8.54 5.38 1.62
N ILE A 210 7.22 5.57 1.48
CA ILE A 210 6.25 4.53 1.22
C ILE A 210 5.37 4.98 0.02
N ILE A 211 5.46 4.22 -1.09
CA ILE A 211 4.82 4.58 -2.33
C ILE A 211 3.84 3.52 -2.74
N ALA A 212 2.60 3.95 -3.08
CA ALA A 212 1.51 3.07 -3.51
C ALA A 212 1.35 3.15 -4.99
N PHE A 213 0.97 2.03 -5.60
CA PHE A 213 0.87 1.90 -7.04
C PHE A 213 -0.35 1.14 -7.44
N SER A 214 -1.18 1.75 -8.29
CA SER A 214 -2.35 1.08 -8.86
C SER A 214 -2.46 1.30 -10.39
N LYS A 215 -3.45 0.63 -10.98
CA LYS A 215 -3.81 0.87 -12.41
C LYS A 215 -4.06 2.35 -12.70
N ASP A 216 -4.50 3.11 -11.69
CA ASP A 216 -4.84 4.52 -11.90
C ASP A 216 -3.75 5.46 -11.45
N GLU A 217 -3.18 5.20 -10.27
CA GLU A 217 -2.30 6.16 -9.60
C GLU A 217 -1.03 5.62 -9.00
N VAL A 218 -0.13 6.59 -8.80
CA VAL A 218 1.01 6.50 -7.90
C VAL A 218 0.83 7.60 -6.83
N VAL A 219 1.00 7.24 -5.56
CA VAL A 219 0.68 8.13 -4.42
C VAL A 219 1.77 7.87 -3.37
N ASP A 220 2.34 8.98 -2.85
CA ASP A 220 3.21 8.90 -1.72
C ASP A 220 2.35 8.81 -0.44
N VAL A 221 2.29 7.59 0.13
CA VAL A 221 1.33 7.26 1.18
C VAL A 221 2.06 7.22 2.53
N THR A 222 3.33 7.63 2.51
CA THR A 222 4.16 7.65 3.67
C THR A 222 3.42 8.07 4.90
N TRP A 223 2.63 9.13 4.76
CA TRP A 223 2.16 9.85 5.94
C TRP A 223 1.01 9.12 6.63
N ARG A 224 0.43 8.16 5.90
CA ARG A 224 -0.55 7.26 6.51
C ARG A 224 0.07 6.36 7.60
N TYR A 225 1.36 6.06 7.43
CA TYR A 225 2.01 5.05 8.22
C TYR A 225 2.89 5.63 9.34
N SER A 226 2.59 6.83 9.78
CA SER A 226 3.50 7.48 10.72
C SER A 226 2.80 8.54 11.50
N CYS A 227 3.28 8.73 12.72
CA CYS A 227 2.89 9.84 13.58
C CYS A 227 4.12 10.60 14.03
N LYS A 228 5.24 10.41 13.35
CA LYS A 228 6.48 11.06 13.69
C LYS A 228 7.09 11.57 12.39
N HIS A 229 6.42 12.57 11.82
CA HIS A 229 6.62 13.04 10.45
C HIS A 229 7.93 13.79 10.28
N ASP A 230 8.28 14.56 11.30
CA ASP A 230 9.61 15.17 11.48
C ASP A 230 10.75 14.15 11.42
N GLU A 231 10.69 13.06 12.20
CA GLU A 231 11.73 12.03 12.08
C GLU A 231 11.75 11.32 10.71
N VAL A 232 10.59 11.00 10.19
CA VAL A 232 10.48 10.47 8.81
C VAL A 232 11.13 11.41 7.78
N MET A 233 10.77 12.68 7.84
CA MET A 233 11.45 13.73 7.02
C MET A 233 12.96 13.69 7.07
N SER A 234 13.51 13.52 8.27
CA SER A 234 14.97 13.49 8.45
C SER A 234 15.61 12.36 7.67
N ARG A 235 14.87 11.25 7.51
CA ARG A 235 15.39 10.11 6.79
C ARG A 235 15.10 10.15 5.29
N ARG A 236 14.35 11.15 4.85
CA ARG A 236 14.04 11.31 3.41
C ARG A 236 15.16 12.07 2.68
N THR A 237 16.33 11.42 2.64
CA THR A 237 17.61 12.00 2.21
C THR A 237 18.07 11.44 0.86
N LYS A 238 17.16 10.76 0.15
CA LYS A 238 17.51 10.03 -1.08
C LYS A 238 17.36 10.82 -2.37
N VAL A 239 16.41 11.78 -2.37
CA VAL A 239 15.95 12.52 -3.57
C VAL A 239 15.36 13.85 -3.09
N LYS A 240 15.27 14.87 -3.96
CA LYS A 240 14.63 16.14 -3.61
C LYS A 240 13.14 15.89 -3.44
N GLU A 241 12.50 16.52 -2.47
CA GLU A 241 11.02 16.39 -2.34
C GLU A 241 10.32 16.92 -3.63
N GLU A 242 10.86 17.99 -4.22
CA GLU A 242 10.40 18.49 -5.53
C GLU A 242 10.43 17.43 -6.62
N LEU A 243 11.54 16.69 -6.68
CA LEU A 243 11.76 15.78 -7.77
C LEU A 243 10.87 14.57 -7.67
N LEU A 244 10.74 14.04 -6.44
CA LEU A 244 9.79 12.95 -6.15
C LEU A 244 8.36 13.37 -6.49
N ARG A 245 7.94 14.53 -6.01
CA ARG A 245 6.59 15.00 -6.33
C ARG A 245 6.47 15.18 -7.84
N GLU A 246 7.36 15.97 -8.41
CA GLU A 246 7.28 16.20 -9.84
C GLU A 246 7.04 14.87 -10.58
N THR A 247 7.84 13.86 -10.23
CA THR A 247 7.85 12.56 -10.94
C THR A 247 6.58 11.70 -10.83
N ILE A 248 5.92 11.77 -9.67
CA ILE A 248 4.65 11.06 -9.42
C ILE A 248 3.49 11.81 -10.15
N ASN A 249 3.58 13.14 -10.19
CA ASN A 249 2.58 13.94 -10.92
C ASN A 249 2.66 13.65 -12.39
N GLY A 250 3.89 13.75 -12.93
CA GLY A 250 4.20 13.36 -14.30
C GLY A 250 3.57 12.04 -14.62
N LEU A 251 3.79 11.03 -13.78
CA LEU A 251 3.30 9.66 -14.02
C LEU A 251 1.80 9.50 -13.92
N ASN A 252 1.20 10.14 -12.94
CA ASN A 252 -0.25 10.17 -12.82
C ASN A 252 -0.85 10.88 -14.04
N LYS A 253 -0.33 12.05 -14.38
CA LYS A 253 -0.92 12.83 -15.48
C LYS A 253 -0.78 12.13 -16.84
N GLN A 254 0.37 11.52 -17.09
CA GLN A 254 0.57 10.76 -18.32
C GLN A 254 -0.43 9.61 -18.37
N ARG A 255 -0.50 8.84 -17.29
CA ARG A 255 -1.28 7.61 -17.25
C ARG A 255 -2.75 7.84 -16.88
N GLN A 256 -3.17 9.10 -16.83
CA GLN A 256 -4.57 9.42 -16.63
C GLN A 256 -5.19 9.99 -17.92
N LEU A 257 -4.33 10.42 -18.85
CA LEU A 257 -4.74 10.80 -20.18
C LEU A 257 -5.75 9.84 -20.82
N SER A 258 -5.62 8.53 -20.56
CA SER A 258 -6.59 7.56 -21.11
C SER A 258 -7.74 7.16 -20.15
N LEU A 259 -7.96 7.94 -19.08
CA LEU A 259 -9.15 7.77 -18.22
C LEU A 259 -10.28 8.76 -18.58
N SER A 260 -11.48 8.55 -18.03
CA SER A 260 -12.62 9.43 -18.26
C SER A 260 -12.52 10.75 -17.47
N GLU A 261 -13.45 11.64 -17.78
CA GLU A 261 -13.50 12.97 -17.17
C GLU A 261 -13.94 12.81 -15.71
N SER A 262 -14.95 11.97 -15.52
CA SER A 262 -15.69 11.90 -14.26
C SER A 262 -14.91 11.04 -13.32
N ARG A 263 -14.38 9.96 -13.86
CA ARG A 263 -13.35 9.17 -13.22
C ARG A 263 -12.20 10.01 -12.68
N ARG A 264 -11.59 10.83 -13.53
CA ARG A 264 -10.53 11.72 -13.07
C ARG A 264 -11.01 12.66 -11.97
N LYS A 265 -12.28 13.01 -12.00
CA LYS A 265 -12.86 13.90 -11.00
C LYS A 265 -13.07 13.18 -9.67
N GLU A 266 -13.50 11.92 -9.75
CA GLU A 266 -13.60 11.03 -8.56
C GLU A 266 -12.28 10.87 -7.84
N LEU A 267 -11.23 10.64 -8.62
CA LEU A 267 -9.88 10.62 -8.13
C LEU A 267 -9.42 11.86 -7.38
N LEU A 268 -9.69 13.05 -7.91
CA LEU A 268 -9.26 14.29 -7.26
C LEU A 268 -10.04 14.55 -5.97
N GLN A 269 -11.31 14.14 -5.96
CA GLN A 269 -12.11 14.15 -4.74
C GLN A 269 -11.61 13.17 -3.65
N ARG A 270 -11.09 12.00 -4.03
CA ARG A 270 -10.55 11.09 -3.04
C ARG A 270 -9.25 11.59 -2.53
N ILE A 271 -8.37 12.02 -3.44
CA ILE A 271 -7.05 12.48 -3.02
C ILE A 271 -7.10 13.57 -1.92
N ILE A 272 -8.19 14.30 -1.83
CA ILE A 272 -8.37 15.29 -0.77
C ILE A 272 -8.42 14.61 0.62
N VAL A 273 -9.15 13.48 0.68
CA VAL A 273 -9.28 12.68 1.89
C VAL A 273 -7.93 12.17 2.39
N GLU A 274 -7.20 11.50 1.53
CA GLU A 274 -5.82 11.12 1.80
C GLU A 274 -4.94 12.21 2.27
N LEU A 275 -4.87 13.26 1.49
CA LEU A 275 -4.04 14.43 1.80
C LEU A 275 -4.36 15.07 3.15
N VAL A 276 -5.62 15.06 3.55
CA VAL A 276 -6.02 15.55 4.86
C VAL A 276 -5.51 14.63 5.98
N GLU A 277 -5.55 13.33 5.76
CA GLU A 277 -4.98 12.39 6.70
C GLU A 277 -3.49 12.58 6.87
N PHE A 278 -2.79 12.74 5.76
CA PHE A 278 -1.35 12.94 5.75
C PHE A 278 -0.91 14.17 6.52
N ILE A 279 -1.78 15.19 6.61
CA ILE A 279 -1.55 16.29 7.54
C ILE A 279 -2.26 16.08 8.87
N SER A 280 -2.79 14.91 9.12
CA SER A 280 -3.45 14.65 10.39
C SER A 280 -2.78 13.46 11.09
N PRO A 281 -1.44 13.56 11.38
CA PRO A 281 -0.65 12.53 12.11
C PRO A 281 -1.23 12.15 13.47
N LYS A 282 -1.31 10.85 13.74
CA LYS A 282 -1.95 10.33 15.00
C LYS A 282 -1.06 10.57 16.21
N THR A 283 -1.62 10.34 17.40
CA THR A 283 -0.93 10.62 18.66
C THR A 283 -0.25 9.37 19.18
N PRO A 284 1.09 9.34 19.14
CA PRO A 284 1.81 8.11 19.50
C PRO A 284 1.73 7.79 21.01
N HIS A 290 -0.93 2.72 22.14
CA HIS A 290 -0.75 1.92 20.93
C HIS A 290 -0.10 0.56 21.24
N HIS A 291 -0.42 -0.05 22.40
CA HIS A 291 0.15 -1.38 22.70
C HIS A 291 -0.19 -2.30 21.54
N HIS A 292 -1.38 -2.92 21.57
CA HIS A 292 -1.71 -3.91 20.53
C HIS A 292 -1.80 -3.29 19.10
N HIS A 293 -0.68 -3.43 18.41
CA HIS A 293 -0.72 -3.73 16.99
C HIS A 293 -0.30 -5.20 16.97
N HIS A 294 -0.87 -6.00 17.88
CA HIS A 294 -0.50 -7.39 18.09
C HIS A 294 -1.78 -8.25 18.03
N HIS A 295 -1.85 -9.29 18.88
CA HIS A 295 -3.08 -10.03 19.22
C HIS A 295 -3.36 -11.16 18.26
N GLY B 1 3.63 33.49 9.71
CA GLY B 1 4.05 33.44 11.14
C GLY B 1 2.88 33.20 12.09
N HIS B 2 2.45 31.94 12.14
CA HIS B 2 1.25 31.54 12.88
C HIS B 2 1.39 30.07 13.34
N PRO B 3 0.42 29.58 14.14
CA PRO B 3 0.38 28.17 14.55
C PRO B 3 0.52 27.19 13.39
N LEU B 4 -0.01 27.56 12.24
CA LEU B 4 0.01 26.71 11.05
C LEU B 4 1.26 26.86 10.19
N GLU B 5 2.24 27.63 10.64
CA GLU B 5 3.40 27.88 9.80
C GLU B 5 4.11 26.58 9.43
N PHE B 6 4.19 25.66 10.40
CA PHE B 6 4.88 24.38 10.24
C PHE B 6 4.38 23.48 9.12
N LEU B 7 3.21 23.80 8.52
CA LEU B 7 2.67 22.98 7.43
C LEU B 7 3.28 23.41 6.11
N ARG B 8 3.83 24.61 6.08
CA ARG B 8 4.21 25.30 4.84
C ARG B 8 5.05 24.45 3.87
N ASN B 9 6.12 23.82 4.36
CA ASN B 9 7.03 23.02 3.51
C ASN B 9 6.96 21.50 3.72
N GLN B 10 6.01 21.05 4.52
CA GLN B 10 5.71 19.66 4.53
C GLN B 10 5.34 19.22 3.11
N PRO B 11 5.94 18.11 2.63
CA PRO B 11 5.64 17.43 1.40
C PRO B 11 4.15 17.23 1.11
N GLN B 12 3.41 16.65 2.06
CA GLN B 12 1.98 16.36 1.84
C GLN B 12 1.14 17.68 1.69
N PHE B 13 1.60 18.76 2.31
CA PHE B 13 0.95 20.07 2.20
C PHE B 13 1.30 20.72 0.88
N GLN B 14 2.57 20.63 0.49
CA GLN B 14 3.01 21.13 -0.82
C GLN B 14 2.22 20.52 -1.97
N GLN B 15 2.02 19.21 -1.88
CA GLN B 15 1.06 18.53 -2.74
C GLN B 15 -0.37 19.04 -2.57
N MET B 16 -0.81 19.34 -1.35
CA MET B 16 -2.17 19.86 -1.13
C MET B 16 -2.40 21.23 -1.80
N ARG B 17 -1.36 22.07 -1.72
CA ARG B 17 -1.32 23.36 -2.35
C ARG B 17 -1.36 23.25 -3.87
N GLN B 18 -0.52 22.40 -4.46
CA GLN B 18 -0.59 22.25 -5.92
C GLN B 18 -1.99 21.83 -6.36
N ILE B 19 -2.63 20.95 -5.60
CA ILE B 19 -3.97 20.46 -5.97
C ILE B 19 -5.05 21.53 -5.82
N ILE B 20 -4.95 22.32 -4.75
CA ILE B 20 -5.96 23.32 -4.43
C ILE B 20 -5.84 24.51 -5.41
N GLN B 21 -4.61 24.86 -5.78
CA GLN B 21 -4.41 25.90 -6.79
C GLN B 21 -4.95 25.47 -8.15
N GLN B 22 -4.83 24.18 -8.47
CA GLN B 22 -5.35 23.65 -9.72
C GLN B 22 -6.76 23.07 -9.59
N ASN B 23 -7.36 23.12 -8.41
CA ASN B 23 -8.76 22.72 -8.24
C ASN B 23 -9.42 23.54 -7.13
N PRO B 24 -9.46 24.87 -7.32
CA PRO B 24 -10.18 25.81 -6.46
C PRO B 24 -11.56 25.30 -6.01
N SER B 25 -12.32 24.68 -6.90
CA SER B 25 -13.65 24.18 -6.56
C SER B 25 -13.61 23.19 -5.37
N LEU B 26 -12.44 22.55 -5.17
CA LEU B 26 -12.28 21.63 -4.06
C LEU B 26 -12.01 22.28 -2.69
N LEU B 27 -11.93 23.63 -2.59
CA LEU B 27 -11.64 24.27 -1.29
C LEU B 27 -12.71 23.93 -0.21
N PRO B 28 -14.01 24.11 -0.52
CA PRO B 28 -15.03 23.79 0.47
C PRO B 28 -15.00 22.36 0.98
N ALA B 29 -14.82 21.41 0.05
CA ALA B 29 -14.69 19.98 0.38
C ALA B 29 -13.43 19.66 1.20
N LEU B 30 -12.32 20.34 0.90
CA LEU B 30 -11.14 20.32 1.75
C LEU B 30 -11.40 20.83 3.17
N LEU B 31 -11.91 22.02 3.27
CA LEU B 31 -12.23 22.57 4.57
C LEU B 31 -13.14 21.59 5.31
N GLN B 32 -14.18 21.12 4.64
CA GLN B 32 -15.05 20.10 5.24
C GLN B 32 -14.32 18.83 5.65
N GLN B 33 -13.39 18.35 4.82
CA GLN B 33 -12.79 17.05 5.11
C GLN B 33 -11.87 17.20 6.29
N ILE B 34 -11.06 18.28 6.29
CA ILE B 34 -10.25 18.67 7.46
C ILE B 34 -11.09 18.75 8.72
N GLY B 35 -12.35 19.11 8.60
CA GLY B 35 -13.25 19.27 9.75
C GLY B 35 -13.57 17.94 10.40
N ARG B 36 -13.45 16.88 9.61
CA ARG B 36 -13.76 15.52 10.08
C ARG B 36 -12.51 14.90 10.66
N GLU B 37 -11.51 14.77 9.79
CA GLU B 37 -10.24 14.20 10.14
C GLU B 37 -9.61 14.91 11.35
N ASN B 38 -9.64 16.25 11.38
CA ASN B 38 -8.73 17.03 12.24
C ASN B 38 -9.42 18.28 12.83
N PRO B 39 -10.41 18.07 13.71
CA PRO B 39 -11.16 19.14 14.40
C PRO B 39 -10.30 20.29 14.93
N GLN B 40 -9.13 19.98 15.48
CA GLN B 40 -8.20 20.96 16.07
C GLN B 40 -7.44 21.81 15.03
N LEU B 41 -7.24 21.22 13.87
CA LEU B 41 -6.65 21.90 12.73
C LEU B 41 -7.70 22.81 12.08
N LEU B 42 -8.93 22.33 11.98
CA LEU B 42 -9.98 23.15 11.43
C LEU B 42 -10.18 24.41 12.26
N GLN B 43 -10.04 24.25 13.58
CA GLN B 43 -10.20 25.34 14.52
C GLN B 43 -9.06 26.32 14.38
N GLN B 44 -7.83 25.84 14.30
CA GLN B 44 -6.68 26.76 14.18
C GLN B 44 -6.77 27.50 12.83
N ILE B 45 -7.21 26.79 11.81
CA ILE B 45 -7.54 27.38 10.52
C ILE B 45 -8.54 28.53 10.66
N SER B 46 -9.59 28.34 11.47
CA SER B 46 -10.62 29.36 11.75
C SER B 46 -10.09 30.57 12.50
N GLN B 47 -9.29 30.32 13.54
CA GLN B 47 -8.63 31.41 14.29
C GLN B 47 -7.82 32.32 13.35
N HIS B 48 -7.20 31.73 12.31
CA HIS B 48 -6.20 32.41 11.47
C HIS B 48 -6.42 32.00 10.01
N GLN B 49 -7.61 32.33 9.49
CA GLN B 49 -8.10 31.85 8.20
C GLN B 49 -7.36 32.35 6.98
N GLU B 50 -6.88 33.58 7.01
CA GLU B 50 -6.25 34.21 5.83
C GLU B 50 -4.84 33.73 5.64
N HIS B 51 -4.11 33.59 6.75
CA HIS B 51 -2.80 32.95 6.78
C HIS B 51 -2.87 31.58 6.06
N PHE B 52 -3.75 30.70 6.53
CA PHE B 52 -3.94 29.37 5.95
C PHE B 52 -4.19 29.41 4.44
N ILE B 53 -5.06 30.32 4.05
CA ILE B 53 -5.45 30.44 2.66
C ILE B 53 -4.30 30.95 1.80
N GLN B 54 -3.52 31.90 2.34
CA GLN B 54 -2.28 32.37 1.71
C GLN B 54 -1.24 31.24 1.55
N MET B 55 -1.14 30.37 2.55
CA MET B 55 -0.29 29.19 2.44
C MET B 55 -0.74 28.31 1.29
N LEU B 56 -2.04 28.05 1.20
CA LEU B 56 -2.59 27.09 0.23
C LEU B 56 -2.39 27.55 -1.21
N ASN B 57 -2.45 28.87 -1.41
CA ASN B 57 -2.38 29.50 -2.75
C ASN B 57 -1.01 30.00 -3.12
N GLU B 58 -0.04 29.82 -2.22
CA GLU B 58 1.34 30.13 -2.59
C GLU B 58 1.84 29.05 -3.56
N PRO B 59 2.36 29.47 -4.73
CA PRO B 59 2.87 28.48 -5.69
C PRO B 59 4.09 27.71 -5.20
N VAL B 60 4.12 26.41 -5.48
CA VAL B 60 5.27 25.55 -5.17
C VAL B 60 5.58 24.66 -6.39
N GLY B 61 6.86 24.52 -6.73
CA GLY B 61 7.30 23.66 -7.82
C GLY B 61 7.64 22.24 -7.39
N VAL C 2 12.87 -8.93 -4.90
CA VAL C 2 11.63 -9.20 -4.09
C VAL C 2 11.90 -8.97 -2.60
N ALA C 3 10.98 -8.23 -2.00
CA ALA C 3 11.10 -7.78 -0.61
C ALA C 3 10.80 -8.92 0.37
N ASP C 4 11.30 -8.81 1.58
CA ASP C 4 11.10 -9.79 2.62
C ASP C 4 9.91 -9.54 3.52
#